data_8DK4
#
_entry.id   8DK4
#
_cell.length_a   56.200
_cell.length_b   88.150
_cell.length_c   122.230
_cell.angle_alpha   90.000
_cell.angle_beta   90.000
_cell.angle_gamma   90.000
#
_symmetry.space_group_name_H-M   'C 2 2 21'
#
loop_
_entity.id
_entity.type
_entity.pdbx_description
1 polymer 'Peroxisome proliferator-activated receptor gamma'
2 polymer 'Peroxisome proliferator-activated receptor gamma coactivator 1-alpha'
3 non-polymer '5-(benzylcarbamoyl)-1-[(4-chloro-3-fluorophenyl)methyl]-1H-indole-2-carboxylic acid'
4 water water
#
loop_
_entity_poly.entity_id
_entity_poly.type
_entity_poly.pdbx_seq_one_letter_code
_entity_poly.pdbx_strand_id
1 'polypeptide(L)'
;PESADLRALAKHLYDSYIKSFPLTKAKARAILTGKTTDKSPFVIYDMNSLMMGEDKIKFKHITPLQEQSKEVAIRIFQGC
QFRSVEAVQEITEYAKSIPGFVNLDLNDQVTLLKYGVHEIIYTMLASLMNKDGVLISEGQGFMTREFLKSLRKPFGDFME
PKFEFAVKFNALELDDSDLAIFIAVIILSGDRPGLLNVKPIEDIQDNLLQALELQLKLNHPESSQLFAKLLQKMTDLRQI
VTEHVQLLQVIKKTETDMSLHPLLQEIYKDLY
;
A
2 'polypeptide(L)' AEEPSLLKKLLLAPA B
#
# COMPACT_ATOMS: atom_id res chain seq x y z
N GLU A 2 -27.54 -17.70 1.68
CA GLU A 2 -26.09 -17.46 1.66
C GLU A 2 -25.78 -16.00 1.40
N SER A 3 -26.73 -15.28 0.80
CA SER A 3 -26.52 -13.87 0.50
C SER A 3 -26.33 -13.04 1.78
N ALA A 4 -27.13 -13.32 2.81
CA ALA A 4 -27.04 -12.58 4.06
C ALA A 4 -25.69 -12.74 4.78
N ASP A 5 -25.14 -13.96 4.86
CA ASP A 5 -23.86 -14.12 5.54
C ASP A 5 -22.71 -13.39 4.82
N LEU A 6 -22.73 -13.43 3.48
CA LEU A 6 -21.68 -12.75 2.71
C LEU A 6 -21.72 -11.23 2.94
N ARG A 7 -22.93 -10.66 3.02
CA ARG A 7 -23.05 -9.22 3.26
C ARG A 7 -22.45 -8.85 4.62
N ALA A 8 -22.66 -9.68 5.64
CA ALA A 8 -22.10 -9.38 6.96
C ALA A 8 -20.57 -9.36 6.89
N LEU A 9 -19.98 -10.29 6.14
CA LEU A 9 -18.53 -10.34 5.99
C LEU A 9 -18.00 -9.02 5.40
N ALA A 10 -18.66 -8.52 4.35
CA ALA A 10 -18.26 -7.26 3.74
C ALA A 10 -18.26 -6.14 4.79
N LYS A 11 -19.34 -6.06 5.58
CA LYS A 11 -19.42 -5.07 6.65
C LYS A 11 -18.28 -5.26 7.64
N HIS A 12 -18.04 -6.50 8.07
CA HIS A 12 -16.94 -6.76 9.01
C HIS A 12 -15.62 -6.22 8.49
N LEU A 13 -15.32 -6.50 7.24
CA LEU A 13 -14.04 -6.07 6.70
C LEU A 13 -13.95 -4.55 6.61
N TYR A 14 -15.02 -3.89 6.18
CA TYR A 14 -15.01 -2.44 6.05
C TYR A 14 -14.85 -1.75 7.41
N ASP A 15 -15.45 -2.30 8.46
CA ASP A 15 -15.25 -1.73 9.78
C ASP A 15 -13.79 -1.90 10.21
N SER A 16 -13.24 -3.09 10.01
CA SER A 16 -11.85 -3.31 10.38
C SER A 16 -10.94 -2.38 9.60
N TYR A 17 -11.30 -2.16 8.34
CA TYR A 17 -10.53 -1.30 7.46
C TYR A 17 -10.52 0.12 7.98
N ILE A 18 -11.68 0.63 8.39
CA ILE A 18 -11.74 1.96 8.97
C ILE A 18 -10.90 2.03 10.24
N LYS A 19 -10.92 0.96 11.03
CA LYS A 19 -10.14 0.98 12.27
C LYS A 19 -8.64 0.98 11.97
N SER A 20 -8.23 0.25 10.94
CA SER A 20 -6.83 -0.03 10.75
C SER A 20 -6.12 1.06 9.99
N PHE A 21 -6.84 1.72 9.08
CA PHE A 21 -6.19 2.64 8.15
C PHE A 21 -6.69 4.07 8.40
N PRO A 22 -5.83 4.92 8.96
CA PRO A 22 -6.26 6.28 9.28
C PRO A 22 -6.64 7.15 8.09
N LEU A 23 -5.86 7.16 7.01
CA LEU A 23 -6.23 7.93 5.83
C LEU A 23 -6.89 6.99 4.82
N THR A 24 -8.20 7.12 4.67
CA THR A 24 -9.01 6.33 3.75
C THR A 24 -9.07 7.04 2.40
N LYS A 25 -9.58 6.31 1.40
CA LYS A 25 -9.77 6.91 0.08
C LYS A 25 -10.76 8.04 0.15
N ALA A 26 -11.84 7.88 0.91
CA ALA A 26 -12.86 8.92 1.05
C ALA A 26 -12.25 10.24 1.52
N LYS A 27 -11.42 10.16 2.55
CA LYS A 27 -10.72 11.32 3.10
C LYS A 27 -9.72 11.87 2.11
N ALA A 28 -8.95 10.97 1.46
CA ALA A 28 -7.95 11.39 0.48
C ALA A 28 -8.57 12.07 -0.71
N ARG A 29 -9.70 11.56 -1.20
CA ARG A 29 -10.39 12.17 -2.33
C ARG A 29 -10.99 13.49 -1.94
N ALA A 30 -11.59 13.56 -0.75
CA ALA A 30 -12.11 14.84 -0.30
C ALA A 30 -11.01 15.89 -0.40
N ILE A 31 -9.82 15.60 0.17
CA ILE A 31 -8.67 16.50 0.15
C ILE A 31 -8.26 16.81 -1.29
N LEU A 32 -8.18 15.80 -2.13
CA LEU A 32 -7.73 16.04 -3.50
C LEU A 32 -8.73 16.87 -4.29
N THR A 33 -10.02 16.69 -4.02
CA THR A 33 -11.05 17.44 -4.74
C THR A 33 -11.26 18.83 -4.15
N GLY A 34 -10.52 19.20 -3.10
CA GLY A 34 -10.67 20.50 -2.48
C GLY A 34 -11.98 20.65 -1.76
N LYS A 35 -12.69 19.55 -1.52
CA LYS A 35 -13.94 19.52 -0.75
C LYS A 35 -13.60 19.11 0.67
N THR A 36 -13.24 20.08 1.50
CA THR A 36 -12.79 19.81 2.85
C THR A 36 -12.81 21.13 3.59
N THR A 37 -13.13 21.07 4.89
CA THR A 37 -12.89 22.22 5.74
C THR A 37 -11.41 22.60 5.73
N ASP A 38 -10.53 21.60 5.65
CA ASP A 38 -9.10 21.81 5.89
C ASP A 38 -8.46 22.60 4.77
N LYS A 39 -7.42 23.34 5.16
CA LYS A 39 -6.63 24.14 4.23
C LYS A 39 -5.88 23.21 3.28
N SER A 40 -5.65 23.69 2.06
CA SER A 40 -5.03 22.84 1.04
C SER A 40 -3.62 22.40 1.43
N PRO A 41 -3.22 21.16 1.12
CA PRO A 41 -1.88 20.68 1.49
C PRO A 41 -0.78 21.54 0.89
N PHE A 42 0.35 21.55 1.56
CA PHE A 42 1.52 22.22 1.03
C PHE A 42 2.02 21.44 -0.18
N VAL A 43 2.21 22.11 -1.32
CA VAL A 43 2.60 21.46 -2.57
C VAL A 43 4.12 21.50 -2.72
N ILE A 44 4.74 20.34 -2.84
CA ILE A 44 6.16 20.22 -3.18
C ILE A 44 6.25 19.86 -4.65
N TYR A 45 6.66 20.85 -5.46
CA TYR A 45 6.81 20.72 -6.91
C TYR A 45 8.24 20.93 -7.38
N ASP A 46 9.10 21.47 -6.54
CA ASP A 46 10.47 21.84 -6.89
C ASP A 46 11.35 21.83 -5.64
N MET A 47 12.65 22.08 -5.83
CA MET A 47 13.60 22.00 -4.72
C MET A 47 13.34 23.04 -3.63
N ASN A 48 12.89 24.25 -4.00
CA ASN A 48 12.63 25.30 -3.01
C ASN A 48 11.39 24.96 -2.19
N SER A 49 10.31 24.56 -2.87
CA SER A 49 9.11 24.15 -2.18
C SER A 49 9.43 22.99 -1.27
N LEU A 50 10.31 22.08 -1.73
CA LEU A 50 10.65 20.93 -0.90
C LEU A 50 11.35 21.38 0.37
N MET A 51 12.24 22.37 0.27
CA MET A 51 12.97 22.86 1.41
C MET A 51 12.03 23.45 2.47
N MET A 52 11.08 24.28 2.03
CA MET A 52 10.11 24.85 2.97
C MET A 52 9.21 23.74 3.57
N GLY A 53 8.82 22.79 2.75
CA GLY A 53 7.99 21.70 3.20
C GLY A 53 8.76 20.56 3.75
N GLU A 54 10.09 20.62 3.74
CA GLU A 54 10.92 19.54 4.23
C GLU A 54 10.64 19.30 5.69
N ASP A 55 10.42 20.37 6.42
CA ASP A 55 10.12 20.23 7.83
C ASP A 55 8.80 19.44 8.02
N LYS A 56 7.81 19.69 7.16
CA LYS A 56 6.51 19.02 7.24
C LYS A 56 6.65 17.51 7.16
N ILE A 57 7.56 17.02 6.32
CA ILE A 57 7.74 15.58 6.21
C ILE A 57 8.12 14.98 7.57
N LYS A 58 7.39 13.92 7.93
CA LYS A 58 7.58 13.21 9.19
C LYS A 58 8.63 12.10 9.12
N PHE A 59 9.87 12.51 9.19
CA PHE A 59 10.97 11.57 9.21
C PHE A 59 11.47 11.62 10.64
N LYS A 60 11.50 10.47 11.30
CA LYS A 60 11.89 10.43 12.71
C LYS A 60 13.18 9.64 12.82
N HIS A 61 14.23 10.32 13.30
CA HIS A 61 15.58 9.73 13.29
C HIS A 61 16.48 10.58 14.19
N ILE A 62 17.79 10.20 14.22
CA ILE A 62 18.78 10.79 15.12
C ILE A 62 19.02 12.25 14.73
N THR A 63 19.05 12.51 13.45
CA THR A 63 19.27 13.78 12.80
C THR A 63 17.99 14.17 12.04
N PRO A 64 17.78 15.45 11.80
CA PRO A 64 16.63 15.85 10.97
C PRO A 64 16.79 15.37 9.54
N LEU A 65 15.63 15.18 8.86
CA LEU A 65 15.60 14.67 7.48
C LEU A 65 16.62 15.36 6.58
N GLN A 66 16.69 16.71 6.65
CA GLN A 66 17.55 17.53 5.77
C GLN A 66 19.04 17.22 5.95
N GLU A 67 19.49 17.02 7.19
CA GLU A 67 20.88 16.69 7.49
C GLU A 67 21.21 15.24 7.15
N GLN A 68 20.18 14.43 6.86
CA GLN A 68 20.35 12.98 6.74
C GLN A 68 21.20 12.61 5.52
N SER A 69 21.04 13.35 4.43
CA SER A 69 21.82 13.12 3.22
C SER A 69 22.11 14.45 2.54
N LYS A 70 23.24 14.48 1.83
CA LYS A 70 23.54 15.59 0.93
C LYS A 70 22.56 15.61 -0.24
N GLU A 71 22.05 14.43 -0.60
CA GLU A 71 21.41 14.20 -1.88
C GLU A 71 19.91 14.03 -1.64
N VAL A 72 19.13 14.88 -2.31
CA VAL A 72 17.72 15.01 -1.99
C VAL A 72 16.94 13.75 -2.35
N ALA A 73 17.29 13.09 -3.46
CA ALA A 73 16.58 11.88 -3.83
C ALA A 73 16.69 10.82 -2.73
N ILE A 74 17.79 10.84 -1.99
CA ILE A 74 17.97 9.90 -0.89
C ILE A 74 16.99 10.25 0.23
N ARG A 75 16.81 11.54 0.49
CA ARG A 75 15.94 11.93 1.60
C ARG A 75 14.49 11.57 1.32
N ILE A 76 14.06 11.76 0.06
CA ILE A 76 12.73 11.32 -0.34
C ILE A 76 12.63 9.80 -0.27
N PHE A 77 13.69 9.12 -0.68
CA PHE A 77 13.65 7.68 -0.60
C PHE A 77 13.46 7.23 0.85
N GLN A 78 14.17 7.87 1.77
CA GLN A 78 14.06 7.51 3.18
C GLN A 78 12.65 7.78 3.69
N GLY A 79 12.04 8.87 3.25
CA GLY A 79 10.69 9.16 3.68
C GLY A 79 9.72 8.08 3.24
N CYS A 80 9.86 7.59 2.01
CA CYS A 80 8.99 6.55 1.50
C CYS A 80 9.16 5.25 2.31
N GLN A 81 10.40 4.91 2.63
CA GLN A 81 10.68 3.71 3.39
C GLN A 81 10.05 3.78 4.79
N PHE A 82 10.11 4.96 5.39
CA PHE A 82 9.56 5.16 6.73
C PHE A 82 8.03 5.00 6.72
N ARG A 83 7.40 5.57 5.71
CA ARG A 83 5.96 5.43 5.56
C ARG A 83 5.60 3.95 5.32
N SER A 84 6.42 3.26 4.53
CA SER A 84 6.17 1.86 4.22
C SER A 84 6.20 1.00 5.48
N VAL A 85 7.15 1.30 6.41
CA VAL A 85 7.24 0.53 7.64
C VAL A 85 5.95 0.72 8.44
N GLU A 86 5.46 1.93 8.53
CA GLU A 86 4.20 2.16 9.22
C GLU A 86 3.03 1.46 8.45
N ALA A 87 3.08 1.52 7.12
CA ALA A 87 2.02 0.90 6.33
C ALA A 87 1.96 -0.62 6.59
N VAL A 88 3.13 -1.27 6.70
CA VAL A 88 3.14 -2.71 6.99
C VAL A 88 2.47 -2.97 8.34
N GLN A 89 2.72 -2.11 9.33
CA GLN A 89 2.06 -2.27 10.63
C GLN A 89 0.54 -2.16 10.50
N GLU A 90 0.06 -1.16 9.75
CA GLU A 90 -1.38 -1.03 9.61
C GLU A 90 -1.98 -2.23 8.85
N ILE A 91 -1.27 -2.72 7.81
CA ILE A 91 -1.77 -3.89 7.06
C ILE A 91 -1.81 -5.14 7.96
N THR A 92 -0.73 -5.41 8.70
CA THR A 92 -0.69 -6.57 9.62
C THR A 92 -1.87 -6.53 10.57
N GLU A 93 -2.18 -5.34 11.11
CA GLU A 93 -3.31 -5.18 12.03
C GLU A 93 -4.62 -5.50 11.33
N TYR A 94 -4.80 -5.00 10.11
CA TYR A 94 -5.97 -5.36 9.32
C TYR A 94 -5.98 -6.86 9.00
N ALA A 95 -4.82 -7.47 8.70
CA ALA A 95 -4.79 -8.91 8.39
C ALA A 95 -5.33 -9.73 9.56
N LYS A 96 -4.97 -9.34 10.78
CA LYS A 96 -5.43 -10.05 11.95
C LYS A 96 -6.95 -9.97 12.08
N SER A 97 -7.57 -8.96 11.48
CA SER A 97 -9.03 -8.81 11.58
C SER A 97 -9.78 -9.82 10.70
N ILE A 98 -9.18 -10.25 9.61
CA ILE A 98 -9.87 -11.08 8.62
C ILE A 98 -10.19 -12.42 9.24
N PRO A 99 -11.42 -12.93 9.11
CA PRO A 99 -11.81 -14.14 9.86
C PRO A 99 -10.99 -15.34 9.44
N GLY A 100 -10.49 -16.07 10.42
CA GLY A 100 -9.70 -17.25 10.20
C GLY A 100 -8.22 -17.00 10.01
N PHE A 101 -7.81 -15.74 9.76
CA PHE A 101 -6.39 -15.50 9.60
C PHE A 101 -5.61 -15.89 10.86
N VAL A 102 -6.18 -15.61 12.06
CA VAL A 102 -5.48 -15.90 13.31
C VAL A 102 -5.31 -17.42 13.49
N ASN A 103 -6.20 -18.22 12.94
CA ASN A 103 -6.17 -19.65 13.22
C ASN A 103 -5.02 -20.31 12.47
N LEU A 104 -4.66 -19.80 11.30
CA LEU A 104 -3.65 -20.46 10.45
C LEU A 104 -2.29 -20.49 11.15
N ASP A 105 -1.41 -21.29 10.58
CA ASP A 105 -0.05 -21.36 11.08
C ASP A 105 0.59 -19.99 10.96
N LEU A 106 1.22 -19.56 12.06
CA LEU A 106 1.91 -18.28 12.13
C LEU A 106 2.89 -18.11 10.95
N ASN A 107 3.74 -19.13 10.72
CA ASN A 107 4.69 -19.09 9.60
C ASN A 107 3.98 -18.88 8.27
N ASP A 108 2.80 -19.49 8.11
CA ASP A 108 1.98 -19.16 6.95
C ASP A 108 1.52 -17.72 7.02
N GLN A 109 1.13 -17.26 8.22
CA GLN A 109 0.67 -15.89 8.43
C GLN A 109 1.78 -14.92 8.07
N VAL A 110 3.03 -15.26 8.42
CA VAL A 110 4.19 -14.42 8.08
C VAL A 110 4.45 -14.43 6.56
N THR A 111 4.35 -15.61 5.94
CA THR A 111 4.57 -15.72 4.50
C THR A 111 3.56 -14.88 3.72
N LEU A 112 2.27 -14.97 4.10
CA LEU A 112 1.26 -14.18 3.42
C LEU A 112 1.51 -12.68 3.55
N LEU A 113 1.86 -12.22 4.77
CA LEU A 113 2.20 -10.80 4.94
C LEU A 113 3.41 -10.44 4.08
N LYS A 114 4.42 -11.30 4.08
CA LYS A 114 5.63 -10.91 3.37
C LYS A 114 5.37 -10.65 1.90
N TYR A 115 4.56 -11.49 1.25
CA TYR A 115 4.33 -11.18 -0.15
C TYR A 115 3.18 -10.26 -0.33
N GLY A 116 2.23 -10.33 0.55
CA GLY A 116 1.06 -9.48 0.43
C GLY A 116 1.34 -7.98 0.57
N VAL A 117 2.22 -7.57 1.50
CA VAL A 117 2.26 -6.15 1.90
C VAL A 117 2.58 -5.22 0.72
N HIS A 118 3.56 -5.53 -0.08
CA HIS A 118 3.91 -4.62 -1.15
C HIS A 118 2.74 -4.40 -2.10
N GLU A 119 1.98 -5.47 -2.37
CA GLU A 119 0.85 -5.36 -3.31
C GLU A 119 -0.26 -4.49 -2.70
N ILE A 120 -0.48 -4.61 -1.39
CA ILE A 120 -1.51 -3.82 -0.73
C ILE A 120 -1.12 -2.34 -0.72
N ILE A 121 0.16 -2.07 -0.42
CA ILE A 121 0.64 -0.69 -0.35
C ILE A 121 0.39 0.02 -1.66
N TYR A 122 0.68 -0.65 -2.77
CA TYR A 122 0.51 -0.03 -4.08
C TYR A 122 -0.97 0.14 -4.38
N THR A 123 -1.82 -0.77 -3.92
CA THR A 123 -3.24 -0.56 -4.08
C THR A 123 -3.69 0.70 -3.35
N MET A 124 -3.32 0.81 -2.09
CA MET A 124 -3.81 1.95 -1.34
C MET A 124 -3.09 3.24 -1.74
N LEU A 125 -1.84 3.15 -2.21
CA LEU A 125 -1.18 4.35 -2.71
C LEU A 125 -1.99 5.00 -3.81
N ALA A 126 -2.62 4.18 -4.66
CA ALA A 126 -3.46 4.73 -5.71
C ALA A 126 -4.54 5.65 -5.15
N SER A 127 -5.05 5.37 -3.94
CA SER A 127 -6.04 6.23 -3.30
C SER A 127 -5.48 7.62 -3.11
N LEU A 128 -4.20 7.71 -2.78
CA LEU A 128 -3.56 9.01 -2.56
C LEU A 128 -3.16 9.74 -3.84
N MET A 129 -3.42 9.17 -5.00
CA MET A 129 -2.78 9.63 -6.22
C MET A 129 -3.74 10.31 -7.21
N ASN A 130 -3.32 11.46 -7.73
CA ASN A 130 -3.78 12.10 -8.96
C ASN A 130 -2.91 11.66 -10.10
N LYS A 131 -3.34 12.05 -11.31
CA LYS A 131 -2.46 11.98 -12.47
C LYS A 131 -1.27 12.90 -12.31
N ASP A 132 -1.36 13.88 -11.40
CA ASP A 132 -0.33 14.91 -11.23
C ASP A 132 0.50 14.81 -9.95
N GLY A 133 0.12 13.98 -8.97
CA GLY A 133 0.96 13.84 -7.79
C GLY A 133 0.29 12.97 -6.75
N VAL A 134 0.90 12.95 -5.56
CA VAL A 134 0.54 12.01 -4.50
C VAL A 134 0.44 12.75 -3.17
N LEU A 135 -0.59 12.42 -2.39
CA LEU A 135 -0.71 13.00 -1.07
C LEU A 135 0.32 12.33 -0.19
N ILE A 136 1.07 13.09 0.56
CA ILE A 136 2.09 12.56 1.46
C ILE A 136 1.89 13.14 2.84
N SER A 137 2.37 12.41 3.85
CA SER A 137 2.27 12.90 5.23
C SER A 137 0.82 13.03 5.68
N GLU A 138 0.08 11.94 5.54
CA GLU A 138 -1.31 11.93 6.01
C GLU A 138 -2.15 13.08 5.49
N GLY A 139 -1.93 13.43 4.24
CA GLY A 139 -2.70 14.47 3.65
C GLY A 139 -2.18 15.86 3.82
N GLN A 140 -1.15 16.03 4.66
CA GLN A 140 -0.66 17.38 4.95
C GLN A 140 0.16 17.98 3.80
N GLY A 141 0.62 17.15 2.87
CA GLY A 141 1.38 17.62 1.74
C GLY A 141 1.00 16.87 0.48
N PHE A 142 1.45 17.43 -0.65
CA PHE A 142 1.21 16.89 -1.98
C PHE A 142 2.48 17.09 -2.80
N MET A 143 3.09 16.00 -3.24
CA MET A 143 4.30 16.04 -4.05
C MET A 143 3.96 15.72 -5.50
N THR A 144 4.42 16.56 -6.42
CA THR A 144 3.99 16.39 -7.80
C THR A 144 4.73 15.26 -8.49
N ARG A 145 4.03 14.65 -9.45
CA ARG A 145 4.58 13.56 -10.24
C ARG A 145 5.77 14.05 -11.05
N GLU A 146 5.66 15.23 -11.63
CA GLU A 146 6.76 15.83 -12.37
C GLU A 146 7.98 16.02 -11.49
N PHE A 147 7.83 16.53 -10.27
CA PHE A 147 8.99 16.69 -9.40
C PHE A 147 9.62 15.34 -9.05
N LEU A 148 8.80 14.34 -8.72
CA LEU A 148 9.37 13.02 -8.45
C LEU A 148 10.07 12.50 -9.67
N LYS A 149 9.60 12.89 -10.86
CA LYS A 149 10.21 12.39 -12.08
C LYS A 149 11.50 13.13 -12.38
N SER A 150 11.74 14.28 -11.75
CA SER A 150 12.94 15.05 -12.03
C SER A 150 14.18 14.43 -11.40
N LEU A 151 14.03 13.63 -10.37
CA LEU A 151 15.19 13.21 -9.58
C LEU A 151 16.15 12.42 -10.46
N ARG A 152 17.43 12.53 -10.13
CA ARG A 152 18.48 11.86 -10.90
C ARG A 152 18.30 10.34 -10.86
N LYS A 153 18.82 9.68 -11.89
CA LYS A 153 18.69 8.24 -12.01
C LYS A 153 19.44 7.54 -10.87
N PRO A 154 18.94 6.35 -10.43
CA PRO A 154 17.77 5.64 -10.96
C PRO A 154 16.48 6.14 -10.35
N PHE A 155 16.60 7.13 -9.48
CA PHE A 155 15.45 7.53 -8.68
C PHE A 155 14.35 8.14 -9.53
N GLY A 156 14.69 8.78 -10.65
CA GLY A 156 13.69 9.49 -11.44
C GLY A 156 12.56 8.58 -11.89
N ASP A 157 12.87 7.36 -12.26
CA ASP A 157 11.83 6.44 -12.69
C ASP A 157 11.19 5.66 -11.54
N PHE A 158 11.51 6.03 -10.30
CA PHE A 158 11.14 5.22 -9.13
C PHE A 158 9.63 5.20 -8.88
N MET A 159 8.96 6.36 -8.93
CA MET A 159 7.52 6.42 -8.64
C MET A 159 6.63 6.31 -9.87
N GLU A 160 7.18 6.32 -11.07
CA GLU A 160 6.35 6.47 -12.27
C GLU A 160 5.45 5.25 -12.54
N PRO A 161 5.94 4.01 -12.40
CA PRO A 161 4.99 2.89 -12.60
C PRO A 161 3.91 2.86 -11.57
N LYS A 162 4.21 3.42 -10.39
CA LYS A 162 3.17 3.56 -9.37
C LYS A 162 2.09 4.52 -9.85
N PHE A 163 2.50 5.63 -10.47
CA PHE A 163 1.51 6.56 -11.01
C PHE A 163 0.73 5.95 -12.17
N GLU A 164 1.45 5.21 -13.07
CA GLU A 164 0.77 4.62 -14.21
C GLU A 164 -0.26 3.60 -13.76
N PHE A 165 0.07 2.79 -12.78
CA PHE A 165 -0.91 1.88 -12.23
C PHE A 165 -2.09 2.63 -11.62
N ALA A 166 -1.80 3.71 -10.85
CA ALA A 166 -2.85 4.41 -10.14
C ALA A 166 -3.86 5.04 -11.07
N VAL A 167 -3.41 5.63 -12.18
CA VAL A 167 -4.36 6.14 -13.15
C VAL A 167 -5.33 5.03 -13.59
N LYS A 168 -4.80 3.88 -14.03
CA LYS A 168 -5.69 2.82 -14.50
C LYS A 168 -6.58 2.32 -13.36
N PHE A 169 -6.01 2.11 -12.19
CA PHE A 169 -6.78 1.52 -11.10
C PHE A 169 -7.85 2.49 -10.60
N ASN A 170 -7.51 3.76 -10.53
CA ASN A 170 -8.50 4.71 -10.08
C ASN A 170 -9.64 4.81 -11.08
N ALA A 171 -9.37 4.54 -12.35
CA ALA A 171 -10.45 4.58 -13.32
C ALA A 171 -11.55 3.58 -12.97
N LEU A 172 -11.24 2.53 -12.19
CA LEU A 172 -12.27 1.61 -11.74
C LEU A 172 -13.25 2.29 -10.78
N GLU A 173 -12.83 3.36 -10.12
CA GLU A 173 -13.69 4.09 -9.17
C GLU A 173 -14.15 3.21 -8.01
N LEU A 174 -13.23 2.45 -7.45
CA LEU A 174 -13.60 1.66 -6.28
C LEU A 174 -13.74 2.55 -5.07
N ASP A 175 -14.67 2.18 -4.18
CA ASP A 175 -14.85 2.92 -2.94
C ASP A 175 -14.13 2.17 -1.81
N ASP A 176 -14.15 2.73 -0.60
CA ASP A 176 -13.42 2.13 0.52
C ASP A 176 -13.96 0.74 0.85
N SER A 177 -15.28 0.56 0.77
CA SER A 177 -15.85 -0.73 1.14
C SER A 177 -15.38 -1.82 0.19
N ASP A 178 -15.32 -1.49 -1.11
CA ASP A 178 -14.80 -2.40 -2.11
C ASP A 178 -13.35 -2.75 -1.81
N LEU A 179 -12.53 -1.73 -1.54
CA LEU A 179 -11.10 -1.95 -1.29
C LEU A 179 -10.88 -2.87 -0.11
N ALA A 180 -11.68 -2.72 0.94
CA ALA A 180 -11.47 -3.57 2.10
C ALA A 180 -11.48 -5.03 1.71
N ILE A 181 -12.43 -5.43 0.85
CA ILE A 181 -12.51 -6.85 0.49
C ILE A 181 -11.41 -7.21 -0.47
N PHE A 182 -11.17 -6.36 -1.47
CA PHE A 182 -10.10 -6.60 -2.43
C PHE A 182 -8.78 -6.82 -1.72
N ILE A 183 -8.46 -5.96 -0.75
CA ILE A 183 -7.22 -6.13 -0.01
C ILE A 183 -7.20 -7.48 0.70
N ALA A 184 -8.33 -7.85 1.31
CA ALA A 184 -8.39 -9.11 2.03
C ALA A 184 -8.09 -10.27 1.09
N VAL A 185 -8.62 -10.18 -0.12
CA VAL A 185 -8.39 -11.21 -1.11
C VAL A 185 -6.89 -11.33 -1.39
N ILE A 186 -6.23 -10.18 -1.60
CA ILE A 186 -4.81 -10.22 -1.95
C ILE A 186 -4.01 -10.88 -0.84
N ILE A 187 -4.35 -10.61 0.42
CA ILE A 187 -3.57 -11.14 1.53
C ILE A 187 -3.65 -12.67 1.53
N LEU A 188 -4.84 -13.20 1.24
CA LEU A 188 -5.16 -14.61 1.31
C LEU A 188 -4.86 -15.37 0.00
N SER A 189 -3.85 -14.93 -0.77
CA SER A 189 -3.40 -15.66 -1.97
C SER A 189 -2.74 -16.97 -1.59
N GLY A 190 -3.25 -18.09 -2.11
CA GLY A 190 -2.69 -19.39 -1.77
C GLY A 190 -1.43 -19.78 -2.54
N ASP A 191 -1.02 -19.03 -3.56
CA ASP A 191 0.15 -19.36 -4.38
C ASP A 191 1.45 -18.69 -3.93
N ARG A 192 1.47 -18.13 -2.72
CA ARG A 192 2.69 -17.53 -2.21
C ARG A 192 3.74 -18.62 -2.05
N PRO A 193 4.98 -18.36 -2.46
CA PRO A 193 6.05 -19.33 -2.27
C PRO A 193 6.22 -19.65 -0.78
N GLY A 194 6.36 -20.93 -0.48
CA GLY A 194 6.74 -21.41 0.84
C GLY A 194 5.60 -21.58 1.80
N LEU A 195 4.36 -21.44 1.34
CA LEU A 195 3.22 -21.67 2.22
C LEU A 195 3.12 -23.14 2.62
N LEU A 196 2.95 -23.38 3.92
CA LEU A 196 2.92 -24.75 4.44
C LEU A 196 1.59 -25.43 4.11
N ASN A 197 0.47 -24.85 4.57
CA ASN A 197 -0.88 -25.37 4.32
C ASN A 197 -1.66 -24.46 3.38
N VAL A 198 -1.79 -24.88 2.12
CA VAL A 198 -2.37 -24.03 1.08
C VAL A 198 -3.88 -24.09 1.14
N LYS A 199 -4.43 -25.24 1.51
CA LYS A 199 -5.87 -25.46 1.41
C LYS A 199 -6.68 -24.52 2.29
N PRO A 200 -6.37 -24.32 3.58
CA PRO A 200 -7.22 -23.42 4.37
C PRO A 200 -7.20 -21.98 3.83
N ILE A 201 -6.03 -21.57 3.33
CA ILE A 201 -5.87 -20.24 2.76
C ILE A 201 -6.82 -20.04 1.59
N GLU A 202 -6.73 -20.94 0.60
CA GLU A 202 -7.58 -20.82 -0.58
C GLU A 202 -9.04 -20.88 -0.18
N ASP A 203 -9.38 -21.73 0.80
CA ASP A 203 -10.74 -21.82 1.32
C ASP A 203 -11.27 -20.45 1.74
N ILE A 204 -10.50 -19.74 2.56
CA ILE A 204 -10.91 -18.39 2.96
C ILE A 204 -10.97 -17.51 1.74
N GLN A 205 -9.94 -17.59 0.86
CA GLN A 205 -9.87 -16.70 -0.29
C GLN A 205 -11.08 -16.91 -1.19
N ASP A 206 -11.55 -18.17 -1.30
CA ASP A 206 -12.76 -18.45 -2.07
C ASP A 206 -13.96 -17.74 -1.44
N ASN A 207 -14.05 -17.79 -0.13
CA ASN A 207 -15.13 -17.08 0.55
C ASN A 207 -15.04 -15.59 0.28
N LEU A 208 -13.83 -15.02 0.41
CA LEU A 208 -13.62 -13.58 0.18
C LEU A 208 -13.95 -13.18 -1.25
N LEU A 209 -13.58 -14.05 -2.19
CA LEU A 209 -13.87 -13.74 -3.59
C LEU A 209 -15.39 -13.70 -3.85
N GLN A 210 -16.17 -14.52 -3.15
CA GLN A 210 -17.62 -14.42 -3.36
C GLN A 210 -18.17 -13.14 -2.78
N ALA A 211 -17.76 -12.82 -1.56
CA ALA A 211 -18.18 -11.58 -0.97
C ALA A 211 -17.81 -10.42 -1.89
N LEU A 212 -16.61 -10.50 -2.49
CA LEU A 212 -16.20 -9.40 -3.34
C LEU A 212 -17.13 -9.24 -4.53
N GLU A 213 -17.51 -10.35 -5.18
CA GLU A 213 -18.26 -10.10 -6.40
C GLU A 213 -19.69 -9.71 -6.07
N LEU A 214 -20.19 -10.17 -4.92
CA LEU A 214 -21.47 -9.68 -4.44
C LEU A 214 -21.38 -8.18 -4.15
N GLN A 215 -20.33 -7.79 -3.41
CA GLN A 215 -20.10 -6.38 -3.12
C GLN A 215 -20.08 -5.55 -4.39
N LEU A 216 -19.38 -6.02 -5.41
CA LEU A 216 -19.24 -5.22 -6.61
C LEU A 216 -20.52 -5.13 -7.40
N LYS A 217 -21.32 -6.20 -7.40
CA LYS A 217 -22.60 -6.16 -8.13
C LYS A 217 -23.54 -5.17 -7.46
N LEU A 218 -23.61 -5.21 -6.13
CA LEU A 218 -24.52 -4.33 -5.39
C LEU A 218 -24.06 -2.89 -5.45
N ASN A 219 -22.82 -2.62 -5.03
CA ASN A 219 -22.25 -1.27 -5.01
C ASN A 219 -22.07 -0.69 -6.42
N HIS A 220 -21.68 -1.50 -7.40
CA HIS A 220 -21.45 -1.02 -8.78
C HIS A 220 -22.23 -1.88 -9.77
N PRO A 221 -23.55 -1.71 -9.80
CA PRO A 221 -24.44 -2.47 -10.73
C PRO A 221 -24.22 -2.17 -12.21
N GLU A 222 -23.97 -0.92 -12.57
CA GLU A 222 -23.83 -0.52 -13.97
C GLU A 222 -22.45 -0.80 -14.54
N SER A 223 -21.51 -1.30 -13.73
CA SER A 223 -20.12 -1.52 -14.14
C SER A 223 -19.94 -2.99 -14.55
N SER A 224 -19.99 -3.25 -15.83
CA SER A 224 -19.98 -4.62 -16.32
C SER A 224 -18.59 -5.20 -16.22
N GLN A 225 -18.51 -6.42 -15.69
CA GLN A 225 -17.26 -7.17 -15.59
C GLN A 225 -16.22 -6.44 -14.75
N LEU A 226 -16.71 -5.76 -13.70
CA LEU A 226 -15.83 -5.07 -12.76
C LEU A 226 -14.98 -6.06 -11.98
N PHE A 227 -15.64 -7.14 -11.51
CA PHE A 227 -14.92 -8.20 -10.82
C PHE A 227 -13.76 -8.70 -11.69
N ALA A 228 -14.03 -8.92 -12.98
CA ALA A 228 -13.01 -9.39 -13.92
C ALA A 228 -11.85 -8.42 -13.98
N LYS A 229 -12.17 -7.13 -14.19
CA LYS A 229 -11.14 -6.11 -14.30
C LYS A 229 -10.29 -6.06 -13.04
N LEU A 230 -10.92 -6.23 -11.89
CA LEU A 230 -10.20 -6.08 -10.65
C LEU A 230 -9.21 -7.21 -10.44
N LEU A 231 -9.60 -8.45 -10.76
CA LEU A 231 -8.68 -9.59 -10.66
C LEU A 231 -7.48 -9.39 -11.55
N GLN A 232 -7.70 -8.86 -12.75
CA GLN A 232 -6.58 -8.59 -13.64
C GLN A 232 -5.60 -7.58 -13.05
N LYS A 233 -6.12 -6.65 -12.28
CA LYS A 233 -5.24 -5.72 -11.60
C LYS A 233 -4.33 -6.49 -10.66
N MET A 234 -4.87 -7.48 -9.93
CA MET A 234 -4.06 -8.23 -8.97
C MET A 234 -2.79 -8.70 -9.61
N THR A 235 -2.90 -9.18 -10.84
CA THR A 235 -1.75 -9.65 -11.57
C THR A 235 -0.82 -8.50 -11.93
N ASP A 236 -1.37 -7.36 -12.37
CA ASP A 236 -0.58 -6.16 -12.58
C ASP A 236 0.24 -5.77 -11.33
N LEU A 237 -0.34 -5.84 -10.15
CA LEU A 237 0.39 -5.48 -8.93
C LEU A 237 1.63 -6.35 -8.73
N ARG A 238 1.48 -7.68 -8.89
CA ARG A 238 2.62 -8.61 -8.89
C ARG A 238 3.76 -7.98 -9.71
N GLN A 239 3.41 -7.48 -10.87
CA GLN A 239 4.41 -7.05 -11.84
C GLN A 239 5.05 -5.73 -11.44
N ILE A 240 4.32 -4.89 -10.72
CA ILE A 240 4.88 -3.64 -10.19
C ILE A 240 5.91 -3.94 -9.12
N VAL A 241 5.56 -4.85 -8.23
CA VAL A 241 6.46 -5.20 -7.15
C VAL A 241 7.73 -5.75 -7.74
N THR A 242 7.61 -6.62 -8.75
CA THR A 242 8.79 -7.17 -9.40
C THR A 242 9.69 -6.04 -9.89
N GLU A 243 9.15 -5.16 -10.71
CA GLU A 243 9.88 -3.96 -11.12
C GLU A 243 10.53 -3.26 -9.94
N HIS A 244 9.78 -3.04 -8.89
CA HIS A 244 10.31 -2.29 -7.77
C HIS A 244 11.51 -2.98 -7.14
N VAL A 245 11.46 -4.31 -7.00
CA VAL A 245 12.55 -5.04 -6.37
C VAL A 245 13.81 -4.94 -7.21
N GLN A 246 13.67 -5.06 -8.52
CA GLN A 246 14.83 -4.89 -9.39
C GLN A 246 15.49 -3.56 -9.13
N LEU A 247 14.68 -2.51 -9.02
CA LEU A 247 15.23 -1.18 -8.81
C LEU A 247 15.92 -1.06 -7.47
N LEU A 248 15.40 -1.73 -6.45
CA LEU A 248 16.08 -1.69 -5.17
C LEU A 248 17.44 -2.35 -5.25
N GLN A 249 17.56 -3.47 -5.96
CA GLN A 249 18.85 -4.15 -6.11
C GLN A 249 19.84 -3.24 -6.84
N VAL A 250 19.40 -2.58 -7.91
CA VAL A 250 20.26 -1.64 -8.60
C VAL A 250 20.71 -0.58 -7.64
N ILE A 251 19.83 -0.08 -6.78
CA ILE A 251 20.28 0.85 -5.74
C ILE A 251 21.27 0.19 -4.79
N LYS A 252 20.92 -1.02 -4.28
CA LYS A 252 21.72 -1.78 -3.33
C LYS A 252 23.19 -1.77 -3.76
N LYS A 253 23.51 -2.39 -4.89
CA LYS A 253 24.89 -2.39 -5.39
C LYS A 253 25.34 -0.98 -5.80
N THR A 254 24.48 -0.23 -6.47
CA THR A 254 24.80 1.12 -6.94
C THR A 254 25.03 2.14 -5.80
N GLU A 255 24.22 2.15 -4.73
CA GLU A 255 24.44 3.17 -3.71
C GLU A 255 24.89 2.58 -2.38
N THR A 256 26.05 3.04 -1.93
CA THR A 256 26.59 2.65 -0.64
C THR A 256 25.79 3.25 0.51
N ASP A 257 25.38 4.51 0.36
CA ASP A 257 24.68 5.24 1.39
C ASP A 257 23.30 4.66 1.77
N MET A 258 22.49 4.20 0.80
CA MET A 258 21.16 3.68 1.16
C MET A 258 21.19 2.62 2.26
N SER A 259 20.32 2.82 3.25
CA SER A 259 20.16 1.96 4.42
C SER A 259 18.72 1.47 4.53
N LEU A 260 18.53 0.18 4.76
CA LEU A 260 17.19 -0.41 4.81
C LEU A 260 16.77 -0.80 6.22
N HIS A 261 15.56 -0.42 6.60
CA HIS A 261 14.98 -0.81 7.88
C HIS A 261 14.90 -2.33 8.01
N PRO A 262 15.13 -2.85 9.21
CA PRO A 262 15.11 -4.29 9.42
C PRO A 262 13.81 -4.97 9.04
N LEU A 263 12.68 -4.33 9.28
CA LEU A 263 11.41 -4.93 8.88
C LEU A 263 11.31 -5.09 7.38
N LEU A 264 11.63 -4.02 6.64
CA LEU A 264 11.66 -4.16 5.19
C LEU A 264 12.66 -5.23 4.82
N GLN A 265 13.81 -5.21 5.47
CA GLN A 265 14.90 -6.09 5.09
C GLN A 265 14.46 -7.55 5.17
N GLU A 266 13.64 -7.88 6.17
CA GLU A 266 13.03 -9.20 6.33
C GLU A 266 12.14 -9.55 5.14
N ILE A 267 11.29 -8.61 4.71
CA ILE A 267 10.37 -8.85 3.59
C ILE A 267 11.13 -8.97 2.28
N TYR A 268 12.20 -8.21 2.12
CA TYR A 268 12.96 -8.21 0.87
C TYR A 268 13.86 -9.45 0.73
N LYS A 269 14.43 -9.95 1.83
CA LYS A 269 15.32 -11.11 1.74
C LYS A 269 14.55 -12.32 1.23
N ASP A 270 15.22 -13.10 0.38
CA ASP A 270 14.64 -14.34 -0.16
C ASP A 270 13.27 -14.10 -0.80
N LEU A 271 13.16 -13.03 -1.57
CA LEU A 271 11.94 -12.75 -2.32
C LEU A 271 12.20 -13.02 -3.81
N PRO B 4 14.37 -14.30 14.99
CA PRO B 4 13.21 -13.52 15.45
C PRO B 4 12.65 -12.63 14.33
N SER B 5 11.55 -13.10 13.74
CA SER B 5 10.88 -12.32 12.71
C SER B 5 10.26 -11.07 13.33
N LEU B 6 10.48 -9.91 12.70
CA LEU B 6 9.78 -8.73 13.17
C LEU B 6 8.31 -8.79 12.81
N LEU B 7 7.97 -9.40 11.67
CA LEU B 7 6.55 -9.60 11.33
C LEU B 7 5.88 -10.49 12.35
N LYS B 8 6.58 -11.52 12.77
CA LYS B 8 6.00 -12.40 13.76
C LYS B 8 5.75 -11.63 15.05
N LYS B 9 6.68 -10.75 15.42
CA LYS B 9 6.55 -9.93 16.62
C LYS B 9 5.33 -9.05 16.50
N LEU B 10 5.14 -8.43 15.33
CA LEU B 10 3.93 -7.63 15.09
C LEU B 10 2.66 -8.46 15.17
N LEU B 11 2.74 -9.72 14.73
CA LEU B 11 1.55 -10.56 14.72
C LEU B 11 1.12 -10.96 16.13
N LEU B 12 2.08 -11.28 16.99
CA LEU B 12 1.80 -11.65 18.37
C LEU B 12 1.56 -10.44 19.26
N ALA B 13 1.59 -9.24 18.69
CA ALA B 13 1.20 -8.04 19.41
C ALA B 13 -0.27 -8.07 19.79
N PRO B 14 -0.68 -7.25 20.80
CA PRO B 14 -2.11 -7.16 21.09
C PRO B 14 -2.95 -6.75 19.86
#